data_5KCI
#
_entry.id   5KCI
#
_cell.length_a   62.460
_cell.length_b   62.460
_cell.length_c   117.580
_cell.angle_alpha   90.00
_cell.angle_beta   90.00
_cell.angle_gamma   90.00
#
_symmetry.space_group_name_H-M   'P 43 21 2'
#
loop_
_entity.id
_entity.type
_entity.pdbx_description
1 polymer 'Uncharacterized protein YPL067C'
2 non-polymer 'ZINC ION'
3 non-polymer GLYCEROL
4 non-polymer 'SULFATE ION'
5 water water
#
_entity_poly.entity_id   1
_entity_poly.type   'polypeptide(L)'
_entity_poly.pdbx_seq_one_letter_code
;SMQQDIVNDHQEEAQGWKWEQIKEIIESGELARLKRSRQMTDKYHEHKKRTAGLDMNQYVLQKLGWSLDEPQLENAAAKA
FSSSTLYAVRANDFPYNFEPGVVHLVLWSKVALPVHSPDKAVREAARARMNAFLQAQPLLRPLLSSGHVAWFVNYPELQS
VARIFHAHVLLFFPRERYSAEQVKTTVDDILSHGFEPLA
;
_entity_poly.pdbx_strand_id   A
#
loop_
_chem_comp.id
_chem_comp.type
_chem_comp.name
_chem_comp.formula
GOL non-polymer GLYCEROL 'C3 H8 O3'
SO4 non-polymer 'SULFATE ION' 'O4 S -2'
ZN non-polymer 'ZINC ION' 'Zn 2'
#
# COMPACT_ATOMS: atom_id res chain seq x y z
N GLY A 16 5.55 -14.41 12.59
CA GLY A 16 5.06 -13.11 12.16
C GLY A 16 3.93 -12.54 13.00
N TRP A 17 3.72 -11.24 12.87
CA TRP A 17 2.67 -10.55 13.60
C TRP A 17 1.30 -11.12 13.27
N LYS A 18 0.51 -11.35 14.32
CA LYS A 18 -0.87 -11.75 14.15
C LYS A 18 -1.72 -10.53 13.82
N TRP A 19 -2.87 -10.79 13.20
CA TRP A 19 -3.68 -9.70 12.66
C TRP A 19 -4.03 -8.69 13.75
N GLU A 20 -4.44 -9.17 14.93
CA GLU A 20 -4.81 -8.25 16.01
C GLU A 20 -3.61 -7.42 16.45
N GLN A 21 -2.43 -8.00 16.45
CA GLN A 21 -1.22 -7.25 16.77
C GLN A 21 -0.93 -6.20 15.71
N ILE A 22 -1.07 -6.56 14.42
CA ILE A 22 -0.93 -5.61 13.33
C ILE A 22 -1.86 -4.43 13.52
N LYS A 23 -3.12 -4.69 13.85
CA LYS A 23 -4.06 -3.60 14.04
C LYS A 23 -3.64 -2.72 15.22
N GLU A 24 -3.16 -3.33 16.30
CA GLU A 24 -2.77 -2.54 17.46
C GLU A 24 -1.55 -1.66 17.14
N ILE A 25 -0.58 -2.23 16.41
CA ILE A 25 0.60 -1.45 16.00
C ILE A 25 0.20 -0.30 15.10
N ILE A 26 -0.69 -0.54 14.13
CA ILE A 26 -1.08 0.53 13.22
C ILE A 26 -1.81 1.63 13.99
N GLU A 27 -2.66 1.22 14.92
CA GLU A 27 -3.42 2.15 15.74
C GLU A 27 -2.50 2.98 16.64
N SER A 28 -1.50 2.36 17.23
CA SER A 28 -0.58 3.10 18.09
C SER A 28 0.40 3.95 17.28
N GLY A 29 0.51 3.72 15.98
CA GLY A 29 1.47 4.44 15.16
C GLY A 29 2.89 3.96 15.33
N GLU A 30 3.09 2.81 15.99
CA GLU A 30 4.44 2.27 16.20
C GLU A 30 4.86 1.44 14.99
N LEU A 31 4.84 2.10 13.83
CA LEU A 31 5.00 1.40 12.56
C LEU A 31 6.39 0.79 12.38
N ALA A 32 7.41 1.30 13.07
CA ALA A 32 8.75 0.74 12.90
C ALA A 32 8.79 -0.71 13.36
N ARG A 33 7.92 -1.06 14.30
CA ARG A 33 7.77 -2.45 14.78
C ARG A 33 7.35 -3.43 13.70
N LEU A 34 6.78 -2.95 12.58
CA LEU A 34 6.38 -3.84 11.49
C LEU A 34 7.64 -4.08 10.68
N LYS A 35 8.31 -5.18 10.95
CA LYS A 35 9.61 -5.47 10.40
C LYS A 35 9.55 -6.71 9.51
N ARG A 36 10.54 -6.82 8.65
CA ARG A 36 10.71 -8.02 7.84
C ARG A 36 11.32 -9.12 8.67
N SER A 37 11.10 -10.36 8.24
CA SER A 37 11.81 -11.48 8.84
C SER A 37 13.31 -11.32 8.60
N ARG A 38 14.10 -11.95 9.46
CA ARG A 38 15.56 -11.98 9.27
C ARG A 38 15.90 -12.35 7.83
N GLN A 39 15.26 -13.39 7.31
CA GLN A 39 15.55 -13.87 5.96
C GLN A 39 15.08 -12.85 4.91
N MET A 40 13.83 -12.41 4.99
CA MET A 40 13.37 -11.39 4.06
C MET A 40 14.23 -10.14 4.16
N THR A 41 14.78 -9.86 5.35
CA THR A 41 15.73 -8.76 5.50
C THR A 41 16.99 -9.03 4.69
N ASP A 42 17.42 -10.30 4.62
CA ASP A 42 18.57 -10.65 3.79
C ASP A 42 18.30 -10.41 2.31
N LYS A 43 17.14 -10.86 1.82
CA LYS A 43 16.82 -10.68 0.40
C LYS A 43 16.67 -9.19 0.07
N TYR A 44 15.90 -8.48 0.88
CA TYR A 44 15.81 -7.04 0.72
C TYR A 44 17.19 -6.40 0.68
N HIS A 45 18.13 -6.90 1.50
CA HIS A 45 19.48 -6.34 1.49
C HIS A 45 20.16 -6.55 0.13
N GLU A 46 19.98 -7.73 -0.49
CA GLU A 46 20.60 -7.95 -1.80
C GLU A 46 19.94 -7.10 -2.90
N HIS A 47 18.63 -6.91 -2.85
CA HIS A 47 17.95 -6.03 -3.81
C HIS A 47 18.43 -4.59 -3.64
N LYS A 48 18.70 -4.21 -2.39
CA LYS A 48 19.27 -2.90 -2.10
C LYS A 48 20.64 -2.77 -2.74
N LYS A 49 21.49 -3.79 -2.59
CA LYS A 49 22.76 -3.76 -3.33
C LYS A 49 22.52 -3.50 -4.80
N ARG A 50 21.51 -4.15 -5.39
CA ARG A 50 21.32 -4.04 -6.83
C ARG A 50 20.84 -2.66 -7.26
N THR A 51 20.09 -1.95 -6.41
CA THR A 51 19.54 -0.65 -6.79
C THR A 51 20.31 0.53 -6.20
N ALA A 52 21.49 0.28 -5.63
CA ALA A 52 22.24 1.30 -4.94
C ALA A 52 22.68 2.42 -5.87
N GLY A 53 22.66 2.19 -7.18
CA GLY A 53 23.10 3.17 -8.16
C GLY A 53 21.97 3.92 -8.85
N LEU A 54 20.75 3.83 -8.34
CA LEU A 54 19.57 4.37 -8.96
C LEU A 54 18.87 5.37 -8.05
N ASP A 55 18.22 6.35 -8.64
CA ASP A 55 17.20 7.15 -7.96
C ASP A 55 15.89 6.37 -8.09
N MET A 56 15.45 5.73 -7.00
CA MET A 56 14.28 4.83 -7.05
C MET A 56 12.97 5.57 -7.26
N ASN A 57 12.91 6.85 -6.92
CA ASN A 57 11.74 7.65 -7.32
C ASN A 57 11.58 7.67 -8.83
N GLN A 58 12.66 7.95 -9.55
CA GLN A 58 12.56 7.99 -11.00
C GLN A 58 12.28 6.60 -11.56
N TYR A 59 12.87 5.58 -10.94
CA TYR A 59 12.66 4.22 -11.42
C TYR A 59 11.18 3.87 -11.34
N VAL A 60 10.58 4.11 -10.17
CA VAL A 60 9.18 3.76 -9.98
C VAL A 60 8.30 4.55 -10.93
N LEU A 61 8.55 5.86 -11.03
CA LEU A 61 7.79 6.66 -11.98
C LEU A 61 7.84 6.03 -13.35
N GLN A 62 9.03 5.61 -13.78
CA GLN A 62 9.21 5.02 -15.09
C GLN A 62 8.39 3.75 -15.22
N LYS A 63 8.47 2.88 -14.22
CA LYS A 63 7.77 1.59 -14.27
C LYS A 63 6.27 1.75 -14.26
N LEU A 64 5.75 2.75 -13.54
CA LEU A 64 4.32 2.92 -13.43
C LEU A 64 3.75 3.68 -14.63
N GLY A 65 4.62 4.22 -15.48
CA GLY A 65 4.19 5.02 -16.61
C GLY A 65 3.87 6.45 -16.26
N TRP A 66 4.48 6.96 -15.19
CA TRP A 66 4.14 8.28 -14.67
C TRP A 66 5.22 9.32 -14.95
N SER A 67 6.27 8.98 -15.69
CA SER A 67 7.33 9.94 -16.00
C SER A 67 6.79 11.07 -16.88
N LEU A 68 7.53 12.18 -16.90
CA LEU A 68 7.14 13.33 -17.71
C LEU A 68 7.18 13.02 -19.21
N ASP A 69 7.96 12.01 -19.62
CA ASP A 69 7.93 11.57 -21.01
C ASP A 69 6.50 11.23 -21.45
N GLU A 70 5.79 10.48 -20.63
CA GLU A 70 4.49 9.93 -20.95
C GLU A 70 3.49 11.01 -21.36
N PRO A 71 2.35 10.63 -21.95
CA PRO A 71 1.28 11.62 -22.17
C PRO A 71 0.78 12.19 -20.84
N GLN A 72 -0.37 12.84 -20.86
CA GLN A 72 -0.93 13.42 -19.64
C GLN A 72 -2.46 13.34 -19.73
N LEU A 73 -3.01 12.25 -19.20
CA LEU A 73 -4.45 12.09 -19.00
C LEU A 73 -4.92 12.77 -17.72
N GLU A 74 -4.37 13.95 -17.46
CA GLU A 74 -4.52 14.62 -16.18
C GLU A 74 -5.37 15.87 -16.34
N ASN A 75 -5.86 16.36 -15.20
CA ASN A 75 -6.38 17.72 -15.12
C ASN A 75 -5.65 18.49 -14.02
N ALA A 76 -4.45 18.04 -13.64
CA ALA A 76 -3.62 18.68 -12.64
C ALA A 76 -4.31 18.77 -11.28
N ALA A 77 -5.58 19.17 -11.24
CA ALA A 77 -6.34 19.29 -10.01
C ALA A 77 -7.10 18.01 -9.66
N ALA A 78 -6.91 16.93 -10.42
CA ALA A 78 -7.65 15.71 -10.16
C ALA A 78 -7.46 15.24 -8.72
N LYS A 79 -8.56 14.84 -8.08
CA LYS A 79 -8.52 14.27 -6.74
C LYS A 79 -7.84 12.90 -6.76
N ALA A 80 -7.11 12.59 -5.68
CA ALA A 80 -6.48 11.29 -5.52
C ALA A 80 -7.55 10.22 -5.72
N PHE A 81 -7.21 9.17 -6.45
CA PHE A 81 -8.06 8.00 -6.68
C PHE A 81 -9.28 8.30 -7.56
N SER A 82 -9.42 9.52 -8.11
CA SER A 82 -10.56 9.89 -8.92
C SER A 82 -10.54 9.22 -10.29
N SER A 83 -9.39 8.68 -10.70
CA SER A 83 -9.25 8.03 -11.99
C SER A 83 -8.21 6.92 -11.86
N SER A 84 -8.44 5.80 -12.55
CA SER A 84 -7.54 4.66 -12.43
C SER A 84 -6.14 4.97 -12.93
N THR A 85 -5.97 6.02 -13.72
CA THR A 85 -4.65 6.39 -14.18
C THR A 85 -3.80 7.03 -13.09
N LEU A 86 -4.39 7.36 -11.95
CA LEU A 86 -3.72 8.12 -10.90
C LEU A 86 -3.18 7.22 -9.79
N TYR A 87 -3.36 5.91 -9.88
CA TYR A 87 -2.87 5.01 -8.85
C TYR A 87 -2.56 3.65 -9.43
N ALA A 88 -1.87 2.84 -8.64
CA ALA A 88 -1.53 1.48 -9.05
C ALA A 88 -1.31 0.64 -7.81
N VAL A 89 -1.79 -0.60 -7.85
CA VAL A 89 -1.62 -1.54 -6.75
C VAL A 89 -0.69 -2.66 -7.21
N ARG A 90 0.31 -2.99 -6.38
CA ARG A 90 1.28 -4.03 -6.67
C ARG A 90 1.44 -4.91 -5.45
N ALA A 91 1.81 -6.16 -5.67
CA ALA A 91 2.26 -6.99 -4.57
C ALA A 91 3.62 -6.52 -4.09
N ASN A 92 3.81 -6.45 -2.76
CA ASN A 92 5.11 -6.10 -2.21
C ASN A 92 6.08 -7.26 -2.48
N ASP A 93 7.20 -6.97 -3.14
CA ASP A 93 8.17 -8.01 -3.45
C ASP A 93 8.90 -8.52 -2.21
N PHE A 94 8.96 -7.71 -1.16
CA PHE A 94 9.73 -8.02 0.04
C PHE A 94 8.83 -7.76 1.24
N PRO A 95 7.79 -8.57 1.39
CA PRO A 95 6.77 -8.28 2.40
C PRO A 95 7.34 -8.30 3.80
N TYR A 96 6.62 -7.64 4.71
CA TYR A 96 6.97 -7.69 6.12
C TYR A 96 6.51 -9.02 6.73
N ASN A 97 6.86 -9.22 7.99
CA ASN A 97 6.74 -10.53 8.63
C ASN A 97 5.40 -10.61 9.35
N PHE A 98 4.41 -11.14 8.66
CA PHE A 98 3.05 -11.25 9.13
C PHE A 98 2.65 -12.72 9.19
N GLU A 99 1.56 -13.02 9.88
CA GLU A 99 1.16 -14.42 9.99
C GLU A 99 0.65 -14.93 8.63
N PRO A 100 0.68 -16.25 8.42
CA PRO A 100 0.15 -16.78 7.16
C PRO A 100 -1.23 -16.23 6.89
N GLY A 101 -1.49 -15.90 5.64
CA GLY A 101 -2.78 -15.42 5.22
C GLY A 101 -2.83 -13.92 5.05
N VAL A 102 -1.88 -13.21 5.66
CA VAL A 102 -1.78 -11.76 5.47
C VAL A 102 -0.99 -11.47 4.21
N VAL A 103 -1.62 -10.72 3.30
CA VAL A 103 -1.07 -10.38 2.00
C VAL A 103 -0.65 -8.93 2.08
N HIS A 104 0.56 -8.63 1.64
CA HIS A 104 1.13 -7.30 1.78
C HIS A 104 1.17 -6.66 0.40
N LEU A 105 0.28 -5.70 0.17
CA LEU A 105 0.23 -4.97 -1.10
C LEU A 105 0.76 -3.56 -0.89
N VAL A 106 1.08 -2.91 -2.00
CA VAL A 106 1.51 -1.51 -2.02
C VAL A 106 0.62 -0.78 -3.00
N LEU A 107 0.05 0.32 -2.54
CA LEU A 107 -0.79 1.21 -3.33
C LEU A 107 -0.06 2.51 -3.57
N TRP A 108 0.33 2.73 -4.82
CA TRP A 108 1.01 3.94 -5.28
C TRP A 108 -0.02 4.95 -5.77
N SER A 109 0.22 6.22 -5.46
CA SER A 109 -0.68 7.28 -5.88
C SER A 109 0.09 8.46 -6.46
N LYS A 110 -0.31 8.92 -7.65
CA LYS A 110 0.24 10.12 -8.27
C LYS A 110 -0.05 11.36 -7.45
N VAL A 111 -1.17 11.36 -6.72
CA VAL A 111 -1.56 12.45 -5.85
C VAL A 111 -1.18 12.06 -4.43
N ALA A 112 -0.35 12.87 -3.81
CA ALA A 112 -0.01 12.62 -2.42
C ALA A 112 -1.24 12.82 -1.54
N LEU A 113 -1.29 12.03 -0.47
CA LEU A 113 -2.25 12.17 0.61
C LEU A 113 -1.49 12.44 1.90
N PRO A 114 -1.65 13.69 2.57
CA PRO A 114 -0.82 14.09 3.73
C PRO A 114 -1.22 13.42 5.04
N VAL A 115 -1.15 12.09 5.07
CA VAL A 115 -1.74 11.35 6.18
C VAL A 115 -1.00 11.47 7.51
N HIS A 116 0.20 12.05 7.53
CA HIS A 116 0.97 12.27 8.74
CA HIS A 116 0.86 12.30 8.81
C HIS A 116 1.28 13.76 8.88
N SER A 117 0.32 14.62 8.58
CA SER A 117 0.55 16.04 8.68
C SER A 117 0.46 16.49 10.13
N PRO A 118 1.20 17.53 10.51
CA PRO A 118 1.03 18.10 11.86
C PRO A 118 -0.34 18.73 12.04
N ASP A 119 -0.92 19.24 10.96
CA ASP A 119 -2.29 19.76 10.98
C ASP A 119 -3.28 18.60 11.16
N LYS A 120 -3.88 18.50 12.35
CA LYS A 120 -4.84 17.41 12.57
C LYS A 120 -5.97 17.43 11.55
N ALA A 121 -6.41 18.61 11.11
CA ALA A 121 -7.51 18.65 10.14
C ALA A 121 -7.09 18.04 8.81
N VAL A 122 -5.90 18.41 8.35
CA VAL A 122 -5.36 17.85 7.11
C VAL A 122 -5.12 16.37 7.26
N ARG A 123 -4.50 15.94 8.37
N ARG A 123 -4.48 15.95 8.36
CA ARG A 123 -4.18 14.53 8.51
CA ARG A 123 -4.17 14.54 8.57
C ARG A 123 -5.44 13.66 8.55
C ARG A 123 -5.44 13.69 8.54
N GLU A 124 -6.43 14.07 9.35
CA GLU A 124 -7.70 13.35 9.40
C GLU A 124 -8.38 13.32 8.04
N ALA A 125 -8.30 14.42 7.27
CA ALA A 125 -8.97 14.47 5.97
C ALA A 125 -8.31 13.56 4.95
N ALA A 126 -6.98 13.50 4.99
CA ALA A 126 -6.23 12.63 4.10
C ALA A 126 -6.50 11.15 4.42
N ARG A 127 -6.53 10.83 5.73
CA ARG A 127 -6.88 9.47 6.15
C ARG A 127 -8.30 9.11 5.73
N ALA A 128 -9.24 10.05 5.83
CA ALA A 128 -10.62 9.78 5.47
C ALA A 128 -10.73 9.43 4.00
N ARG A 129 -9.96 10.12 3.14
CA ARG A 129 -9.96 9.82 1.71
C ARG A 129 -9.43 8.42 1.43
N MET A 130 -8.31 8.05 2.06
CA MET A 130 -7.79 6.69 1.87
C MET A 130 -8.83 5.66 2.31
N ASN A 131 -9.42 5.89 3.47
CA ASN A 131 -10.43 4.96 3.99
C ASN A 131 -11.60 4.81 3.01
N ALA A 132 -12.11 5.93 2.50
CA ALA A 132 -13.22 5.87 1.56
C ALA A 132 -12.84 5.10 0.31
N PHE A 133 -11.62 5.28 -0.16
CA PHE A 133 -11.15 4.59 -1.35
C PHE A 133 -11.17 3.09 -1.14
N LEU A 134 -10.55 2.63 -0.05
CA LEU A 134 -10.53 1.18 0.18
C LEU A 134 -11.93 0.65 0.48
N GLN A 135 -12.75 1.39 1.22
CA GLN A 135 -14.10 0.92 1.56
C GLN A 135 -14.97 0.74 0.34
N ALA A 136 -14.69 1.47 -0.73
CA ALA A 136 -15.53 1.46 -1.91
C ALA A 136 -15.24 0.29 -2.85
N GLN A 137 -14.28 -0.60 -2.50
CA GLN A 137 -13.76 -1.58 -3.44
C GLN A 137 -14.59 -2.87 -3.40
N PRO A 138 -15.35 -3.20 -4.43
CA PRO A 138 -16.07 -4.49 -4.40
C PRO A 138 -15.18 -5.69 -4.20
N LEU A 139 -13.96 -5.65 -4.74
CA LEU A 139 -13.06 -6.79 -4.61
C LEU A 139 -12.62 -7.01 -3.17
N LEU A 140 -12.83 -6.05 -2.28
CA LEU A 140 -12.47 -6.19 -0.86
C LEU A 140 -13.69 -6.41 0.04
N ARG A 141 -14.90 -6.49 -0.53
CA ARG A 141 -16.12 -6.44 0.27
C ARG A 141 -16.08 -7.38 1.47
N PRO A 142 -15.89 -8.69 1.29
CA PRO A 142 -16.02 -9.56 2.48
C PRO A 142 -14.90 -9.34 3.47
N LEU A 143 -13.70 -8.97 2.98
CA LEU A 143 -12.60 -8.61 3.89
C LEU A 143 -12.92 -7.37 4.70
N LEU A 144 -13.46 -6.36 4.05
CA LEU A 144 -13.86 -5.17 4.81
C LEU A 144 -14.91 -5.55 5.84
N SER A 145 -15.88 -6.38 5.44
CA SER A 145 -16.94 -6.75 6.37
C SER A 145 -16.35 -7.45 7.57
N SER A 146 -15.24 -8.18 7.38
CA SER A 146 -14.55 -8.92 8.43
C SER A 146 -13.55 -8.09 9.26
N GLY A 147 -13.28 -6.83 8.93
CA GLY A 147 -12.19 -6.12 9.57
C GLY A 147 -10.82 -6.58 9.14
N HIS A 148 -10.71 -7.14 7.93
CA HIS A 148 -9.50 -7.81 7.48
C HIS A 148 -8.80 -7.02 6.38
N VAL A 149 -9.01 -5.72 6.39
CA VAL A 149 -8.23 -4.79 5.58
C VAL A 149 -7.60 -3.78 6.52
N ALA A 150 -6.29 -3.55 6.36
CA ALA A 150 -5.64 -2.50 7.12
C ALA A 150 -4.66 -1.79 6.22
N TRP A 151 -4.22 -0.60 6.64
CA TRP A 151 -3.27 0.12 5.82
C TRP A 151 -2.45 1.05 6.68
N PHE A 152 -1.25 1.37 6.20
CA PHE A 152 -0.41 2.35 6.86
C PHE A 152 0.52 2.97 5.83
N VAL A 153 1.00 4.15 6.18
CA VAL A 153 1.99 4.84 5.38
C VAL A 153 3.21 5.04 6.26
N ASN A 154 4.36 4.54 5.81
CA ASN A 154 5.58 4.67 6.58
C ASN A 154 5.99 6.14 6.70
N TYR A 155 6.44 6.49 7.89
CA TYR A 155 6.88 7.85 8.18
C TYR A 155 8.11 8.18 7.36
N PRO A 156 8.46 9.48 7.27
CA PRO A 156 9.69 9.85 6.56
C PRO A 156 10.95 9.13 7.03
N GLU A 157 11.13 8.92 8.34
CA GLU A 157 12.36 8.29 8.77
C GLU A 157 12.39 6.80 8.47
N LEU A 158 11.30 6.23 7.97
CA LEU A 158 11.21 4.81 7.67
C LEU A 158 11.05 4.50 6.19
N GLN A 159 10.76 5.47 5.34
CA GLN A 159 10.29 5.18 3.99
C GLN A 159 11.43 5.23 3.00
N SER A 160 11.20 4.62 1.84
CA SER A 160 11.99 4.88 0.65
C SER A 160 11.06 5.44 -0.42
N VAL A 161 11.65 5.93 -1.50
CA VAL A 161 10.88 6.45 -2.61
C VAL A 161 9.95 7.53 -2.08
N ALA A 162 10.54 8.56 -1.44
CA ALA A 162 9.70 9.51 -0.72
C ALA A 162 8.98 10.50 -1.62
N ARG A 163 9.31 10.55 -2.90
CA ARG A 163 8.68 11.51 -3.80
C ARG A 163 7.41 10.96 -4.43
N ILE A 164 7.06 9.68 -4.16
CA ILE A 164 5.84 9.12 -4.69
C ILE A 164 5.06 8.53 -3.53
N PHE A 165 3.83 8.96 -3.36
CA PHE A 165 3.03 8.42 -2.27
C PHE A 165 2.80 6.93 -2.45
N HIS A 166 3.03 6.17 -1.39
CA HIS A 166 2.61 4.77 -1.38
C HIS A 166 2.16 4.38 0.02
N ALA A 167 1.08 3.61 0.04
CA ALA A 167 0.51 3.05 1.25
C ALA A 167 0.68 1.54 1.22
N HIS A 168 0.95 0.99 2.39
CA HIS A 168 0.96 -0.45 2.58
C HIS A 168 -0.47 -0.89 2.90
N VAL A 169 -1.01 -1.77 2.07
CA VAL A 169 -2.38 -2.25 2.19
C VAL A 169 -2.30 -3.72 2.49
N LEU A 170 -2.79 -4.12 3.65
CA LEU A 170 -2.74 -5.49 4.13
C LEU A 170 -4.12 -6.09 4.05
N LEU A 171 -4.18 -7.34 3.53
CA LEU A 171 -5.43 -8.07 3.40
C LEU A 171 -5.26 -9.37 4.14
N PHE A 172 -6.20 -9.70 5.04
CA PHE A 172 -6.08 -10.92 5.82
C PHE A 172 -7.05 -11.97 5.28
N PHE A 173 -6.49 -13.12 4.89
CA PHE A 173 -7.24 -14.28 4.44
C PHE A 173 -6.95 -15.40 5.45
N PRO A 174 -7.74 -15.52 6.52
CA PRO A 174 -7.45 -16.58 7.52
C PRO A 174 -7.39 -17.96 6.88
N ARG A 175 -6.48 -18.78 7.39
CA ARG A 175 -6.27 -20.11 6.82
C ARG A 175 -7.52 -20.99 6.98
N GLU A 176 -8.33 -20.74 8.00
CA GLU A 176 -9.54 -21.54 8.16
C GLU A 176 -10.66 -21.06 7.25
N ARG A 177 -10.43 -20.00 6.47
CA ARG A 177 -11.44 -19.46 5.57
C ARG A 177 -11.02 -19.45 4.11
N TYR A 178 -9.72 -19.42 3.83
CA TYR A 178 -9.20 -19.43 2.47
C TYR A 178 -8.01 -20.38 2.39
N SER A 179 -8.02 -21.29 1.42
CA SER A 179 -6.82 -22.05 1.09
C SER A 179 -5.77 -21.11 0.50
N ALA A 180 -4.50 -21.50 0.65
CA ALA A 180 -3.45 -20.69 0.03
C ALA A 180 -3.73 -20.49 -1.46
N GLU A 181 -4.26 -21.51 -2.13
CA GLU A 181 -4.55 -21.37 -3.55
C GLU A 181 -5.68 -20.38 -3.80
N GLN A 182 -6.69 -20.35 -2.93
CA GLN A 182 -7.76 -19.36 -3.06
C GLN A 182 -7.24 -17.95 -2.81
N VAL A 183 -6.29 -17.79 -1.88
CA VAL A 183 -5.70 -16.48 -1.68
C VAL A 183 -4.97 -16.04 -2.94
N LYS A 184 -4.16 -16.95 -3.51
CA LYS A 184 -3.45 -16.61 -4.73
C LYS A 184 -4.43 -16.16 -5.80
N THR A 185 -5.50 -16.93 -5.98
CA THR A 185 -6.52 -16.60 -6.98
C THR A 185 -7.08 -15.21 -6.76
N THR A 186 -7.52 -14.91 -5.53
CA THR A 186 -8.15 -13.61 -5.28
C THR A 186 -7.17 -12.47 -5.47
N VAL A 187 -5.95 -12.62 -4.98
CA VAL A 187 -4.99 -11.52 -5.09
C VAL A 187 -4.61 -11.29 -6.55
N ASP A 188 -4.42 -12.38 -7.31
CA ASP A 188 -4.17 -12.23 -8.74
C ASP A 188 -5.33 -11.48 -9.39
N ASP A 189 -6.55 -11.79 -8.98
CA ASP A 189 -7.73 -11.08 -9.48
C ASP A 189 -7.64 -9.59 -9.20
N ILE A 190 -7.37 -9.23 -7.95
CA ILE A 190 -7.26 -7.82 -7.56
C ILE A 190 -6.21 -7.11 -8.37
N LEU A 191 -5.02 -7.70 -8.46
CA LEU A 191 -3.92 -7.04 -9.16
C LEU A 191 -4.18 -6.93 -10.65
N SER A 192 -4.88 -7.91 -11.23
CA SER A 192 -5.18 -7.87 -12.66
C SER A 192 -6.22 -6.80 -12.96
N HIS A 193 -7.31 -6.77 -12.19
CA HIS A 193 -8.36 -5.77 -12.38
C HIS A 193 -7.96 -4.39 -11.87
N GLY A 194 -7.18 -4.33 -10.80
CA GLY A 194 -6.91 -3.08 -10.11
C GLY A 194 -8.07 -2.64 -9.23
N PHE A 195 -7.84 -1.58 -8.48
CA PHE A 195 -8.93 -0.98 -7.73
C PHE A 195 -9.74 -0.04 -8.62
N GLU A 196 -11.01 0.15 -8.23
CA GLU A 196 -11.92 1.04 -8.94
C GLU A 196 -11.82 2.47 -8.40
N PRO A 197 -11.95 3.46 -9.27
CA PRO A 197 -11.76 4.85 -8.83
C PRO A 197 -12.93 5.34 -8.00
N LEU A 198 -12.69 6.43 -7.29
CA LEU A 198 -13.68 7.03 -6.40
C LEU A 198 -13.76 8.52 -6.70
N ALA A 199 -14.96 9.00 -7.01
CA ALA A 199 -15.11 10.44 -7.33
C ALA A 199 -14.72 11.29 -6.13
ZN ZN B . -2.33 -0.14 -12.98
C1 GOL C . 7.21 -2.54 -11.06
O1 GOL C . 6.15 -2.50 -12.00
C2 GOL C . 7.31 -1.19 -10.31
O2 GOL C . 6.05 -0.59 -10.26
C3 GOL C . 7.87 -1.31 -8.90
O3 GOL C . 7.36 -0.25 -8.09
H11 GOL C . 7.04 -3.34 -10.34
H12 GOL C . 8.15 -2.73 -11.57
HO1 GOL C . 6.15 -3.33 -12.52
H2 GOL C . 7.99 -0.55 -10.88
HO2 GOL C . 5.46 -1.14 -9.69
H31 GOL C . 7.59 -2.28 -8.48
H32 GOL C . 8.96 -1.26 -8.92
HO3 GOL C . 7.63 -0.38 -7.17
S SO4 D . 8.51 2.11 2.26
O1 SO4 D . 9.13 2.99 1.23
O2 SO4 D . 7.20 2.57 2.70
O3 SO4 D . 8.34 0.75 1.71
O4 SO4 D . 9.38 2.05 3.42
#